data_9IQY
#
_entry.id   9IQY
#
_cell.length_a   1.00
_cell.length_b   1.00
_cell.length_c   1.00
_cell.angle_alpha   90.00
_cell.angle_beta   90.00
_cell.angle_gamma   90.00
#
_symmetry.space_group_name_H-M   'P 1'
#
loop_
_entity.id
_entity.type
_entity.pdbx_description
1 polymer 'Transient receptor potential cation channel subfamily V member 4'
2 polymer 'Transforming protein RhoA'
3 non-polymer "GUANOSINE-5'-DIPHOSPHATE"
4 non-polymer 'MAGNESIUM ION'
#
loop_
_entity_poly.entity_id
_entity_poly.type
_entity_poly.pdbx_seq_one_letter_code
_entity_poly.pdbx_strand_id
1 'polypeptide(L)'
;VFNRPILFDIVSRGSTADLDGLLPFLLTHKKRLTDEEFREPSTGKTCLPKALLNLSNGRNDTIPVLLDIAERTGNMREFI
NSPFRDIYYRGQTALHIAIERRCKHYVELLVAQGADVHAQARGRFFQPKDEGGYFYFGELPLSLAACTNQPHIVNYLTEN
PHKKADMRRQDSRGNTVLHALVAIADNTRENTKFVTKMYDLLLLKCARLFPDSNLEAVLNNDGLSPLMMAAKTGKIGIFQ
HIIRREVTDEDTRHLSRKFKDWAYGPVYSSLYDLSSLDTCGEEASVLEILVYNSKIENRHEMLAVEPINELLRDKWRKFG
AVSFYINVVSYLCAMVIFTLTAYYQPLEGTPPYPYRTTVDYLRLAGEVITLFTGVLFFFTNIKDLFMKKCPGVNSLFIDG
SFQLLYFIYSVLVIVSAALYLAGIEAYLAVMVFALVLGWMNALYFTRGLKLTGTYSIMIQKILFKDLFRFLLVYLLFMIG
YASALVSLLNPCANMKVCNEDQTNCTVPTYPSCRDSETFSTFLLDLFKLTIGMGDLEMLSSTKYPVVFIILLVTYIILTF
VLLLNMLIALMGETVGQVSKESKHIWKLQWATTILDIERSFPVFLRKAFRSGEMVTVGKSSDGTPDRRWCFRVDEVNWSH
;
B,C
2 'polypeptide(L)'
;MAAIRKKLVIVGDGACGKTCLLIVFSKDQFPEVYVPTVFENYVADIEVDGKQVELALWDTAGQEDYDRLRPLSYPDTDVI
LMCFSIDSPDSLENIPEKWTPEVKHFCPNVPIILVGNKKDLRNDEHTRRELAKMKQEPVKPEEGRDMANRIGAFGYMECS
AKTKDGVREVFEMATRAALQARRGKKKSGCLVL
;
J
#
# COMPACT_ATOMS: atom_id res chain seq x y z
N PHE A 2 25.87 -11.87 -8.66
CA PHE A 2 27.05 -12.01 -7.82
C PHE A 2 26.93 -11.13 -6.58
N ASN A 3 26.67 -9.85 -6.80
CA ASN A 3 26.49 -8.90 -5.70
C ASN A 3 25.55 -7.81 -6.19
N ARG A 4 24.89 -7.14 -5.25
CA ARG A 4 23.83 -6.21 -5.64
C ARG A 4 24.33 -4.98 -6.38
N PRO A 5 25.50 -4.39 -6.08
CA PRO A 5 25.98 -3.31 -6.97
C PRO A 5 26.28 -3.78 -8.37
N ILE A 6 26.79 -5.01 -8.52
CA ILE A 6 27.03 -5.57 -9.86
C ILE A 6 25.71 -5.96 -10.51
N LEU A 7 24.81 -6.56 -9.73
CA LEU A 7 23.54 -7.02 -10.29
C LEU A 7 22.66 -5.86 -10.74
N PHE A 8 22.56 -4.80 -9.96
CA PHE A 8 21.75 -3.64 -10.33
C PHE A 8 22.34 -2.86 -11.49
N ASP A 9 23.61 -3.08 -11.83
CA ASP A 9 24.22 -2.51 -13.01
C ASP A 9 24.03 -3.38 -14.24
N ILE A 10 24.15 -4.69 -14.08
CA ILE A 10 23.85 -5.61 -15.18
C ILE A 10 22.38 -5.48 -15.58
N VAL A 11 21.50 -5.37 -14.60
CA VAL A 11 20.07 -5.18 -14.87
C VAL A 11 19.83 -3.82 -15.53
N SER A 12 20.48 -2.77 -15.02
CA SER A 12 20.28 -1.44 -15.57
C SER A 12 20.72 -1.36 -17.03
N ARG A 13 21.88 -1.94 -17.34
CA ARG A 13 22.38 -1.90 -18.71
C ARG A 13 21.65 -2.86 -19.65
N GLY A 14 20.88 -3.80 -19.11
CA GLY A 14 20.20 -4.77 -19.93
C GLY A 14 21.13 -5.69 -20.68
N SER A 15 22.17 -6.17 -19.99
CA SER A 15 23.18 -7.04 -20.59
C SER A 15 22.95 -8.47 -20.10
N THR A 16 22.21 -9.24 -20.90
CA THR A 16 21.98 -10.64 -20.56
C THR A 16 23.26 -11.45 -20.60
N ALA A 17 24.26 -11.00 -21.37
CA ALA A 17 25.53 -11.71 -21.45
C ALA A 17 26.32 -11.69 -20.14
N ASP A 18 26.13 -10.67 -19.31
CA ASP A 18 26.76 -10.62 -18.00
C ASP A 18 25.92 -11.25 -16.90
N LEU A 19 24.70 -11.67 -17.21
CA LEU A 19 23.77 -12.24 -16.24
C LEU A 19 23.73 -13.76 -16.31
N ASP A 20 24.62 -14.36 -17.10
CA ASP A 20 24.58 -15.81 -17.32
C ASP A 20 24.89 -16.58 -16.04
N GLY A 21 25.87 -16.12 -15.26
CA GLY A 21 26.33 -16.82 -14.09
C GLY A 21 25.54 -16.58 -12.82
N LEU A 22 24.44 -15.83 -12.88
CA LEU A 22 23.66 -15.57 -11.67
C LEU A 22 23.05 -16.84 -11.12
N LEU A 23 22.46 -17.68 -12.00
CA LEU A 23 21.79 -18.88 -11.52
C LEU A 23 22.74 -19.87 -10.85
N PRO A 24 23.89 -20.23 -11.44
CA PRO A 24 24.82 -21.13 -10.72
C PRO A 24 25.31 -20.56 -9.41
N PHE A 25 25.50 -19.25 -9.31
CA PHE A 25 25.88 -18.65 -8.04
C PHE A 25 24.78 -18.79 -6.99
N LEU A 26 23.55 -18.48 -7.38
CA LEU A 26 22.43 -18.58 -6.44
C LEU A 26 22.22 -20.01 -5.99
N LEU A 27 22.31 -20.98 -6.90
CA LEU A 27 22.07 -22.36 -6.54
C LEU A 27 23.16 -22.91 -5.62
N THR A 28 24.42 -22.63 -5.92
CA THR A 28 25.52 -23.13 -5.11
C THR A 28 25.69 -22.38 -3.80
N HIS A 29 25.17 -21.16 -3.68
CA HIS A 29 25.20 -20.43 -2.42
C HIS A 29 23.86 -20.46 -1.70
N LYS A 30 22.85 -21.10 -2.27
CA LYS A 30 21.52 -21.19 -1.68
C LYS A 30 20.93 -19.81 -1.39
N LYS A 31 21.34 -18.82 -2.17
CA LYS A 31 20.79 -17.48 -2.06
C LYS A 31 19.66 -17.30 -3.07
N ARG A 32 18.86 -16.26 -2.85
CA ARG A 32 17.69 -16.00 -3.67
C ARG A 32 17.64 -14.52 -4.03
N LEU A 33 16.97 -14.21 -5.13
CA LEU A 33 16.90 -12.84 -5.63
C LEU A 33 16.10 -11.92 -4.72
N THR A 34 15.35 -12.46 -3.76
CA THR A 34 14.60 -11.66 -2.81
C THR A 34 15.33 -11.47 -1.50
N ASP A 35 16.56 -11.98 -1.39
CA ASP A 35 17.34 -11.82 -0.18
C ASP A 35 17.75 -10.36 0.02
N GLU A 36 17.95 -9.98 1.27
CA GLU A 36 18.31 -8.61 1.59
C GLU A 36 19.64 -8.20 0.96
N GLU A 37 20.52 -9.17 0.68
CA GLU A 37 21.77 -8.87 0.00
C GLU A 37 21.57 -8.47 -1.45
N PHE A 38 20.37 -8.65 -2.01
CA PHE A 38 20.07 -8.26 -3.38
C PHE A 38 18.96 -7.22 -3.44
N ARG A 39 18.67 -6.55 -2.33
CA ARG A 39 17.63 -5.54 -2.26
C ARG A 39 18.23 -4.24 -1.76
N GLU A 40 17.83 -3.13 -2.37
CA GLU A 40 18.34 -1.83 -1.94
C GLU A 40 17.82 -1.53 -0.53
N PRO A 41 18.71 -1.18 0.40
CA PRO A 41 18.25 -0.87 1.76
C PRO A 41 17.46 0.43 1.79
N SER A 42 16.55 0.52 2.76
CA SER A 42 15.71 1.69 2.99
C SER A 42 14.72 1.92 1.85
N THR A 43 14.77 1.08 0.82
CA THR A 43 13.81 1.14 -0.27
C THR A 43 13.06 -0.18 -0.46
N GLY A 44 13.77 -1.30 -0.45
CA GLY A 44 13.17 -2.59 -0.72
C GLY A 44 13.03 -2.94 -2.19
N LYS A 45 13.72 -2.23 -3.08
CA LYS A 45 13.60 -2.46 -4.51
C LYS A 45 14.48 -3.64 -4.91
N THR A 46 13.88 -4.62 -5.58
CA THR A 46 14.62 -5.76 -6.11
C THR A 46 15.16 -5.41 -7.50
N CYS A 47 15.64 -6.42 -8.22
CA CYS A 47 16.17 -6.19 -9.56
C CYS A 47 15.06 -5.89 -10.56
N LEU A 48 13.88 -6.46 -10.35
CA LEU A 48 12.78 -6.30 -11.30
C LEU A 48 12.32 -4.87 -11.48
N PRO A 49 12.10 -4.07 -10.43
CA PRO A 49 11.79 -2.65 -10.67
C PRO A 49 12.91 -1.91 -11.38
N LYS A 50 14.17 -2.25 -11.10
CA LYS A 50 15.29 -1.64 -11.80
C LYS A 50 15.27 -1.96 -13.28
N ALA A 51 14.91 -3.20 -13.63
CA ALA A 51 14.74 -3.57 -15.03
C ALA A 51 13.54 -2.89 -15.67
N LEU A 52 12.45 -2.71 -14.93
CA LEU A 52 11.25 -2.06 -15.45
C LEU A 52 11.40 -0.55 -15.54
N LEU A 53 12.43 0.02 -14.93
CA LEU A 53 12.70 1.45 -15.04
C LEU A 53 13.71 1.80 -16.11
N ASN A 54 14.71 0.95 -16.33
CA ASN A 54 15.74 1.20 -17.34
C ASN A 54 15.41 0.43 -18.61
N LEU A 55 14.47 0.98 -19.36
CA LEU A 55 13.96 0.36 -20.58
C LEU A 55 14.50 1.09 -21.80
N SER A 56 15.10 0.35 -22.73
CA SER A 56 15.58 0.87 -24.00
C SER A 56 14.80 0.21 -25.13
N ASN A 57 14.22 1.02 -26.00
CA ASN A 57 13.37 0.60 -27.12
C ASN A 57 12.10 -0.03 -26.55
N GLY A 58 11.79 0.24 -25.29
CA GLY A 58 10.60 -0.30 -24.66
C GLY A 58 10.72 -1.72 -24.16
N ARG A 59 11.90 -2.33 -24.28
CA ARG A 59 12.09 -3.72 -23.89
C ARG A 59 13.38 -3.84 -23.08
N ASN A 60 13.39 -4.76 -22.12
CA ASN A 60 14.59 -5.12 -21.38
C ASN A 60 14.70 -6.63 -21.38
N ASP A 61 15.68 -7.15 -22.12
CA ASP A 61 15.86 -8.59 -22.23
C ASP A 61 16.26 -9.25 -20.92
N THR A 62 16.69 -8.47 -19.92
CA THR A 62 17.08 -9.06 -18.65
C THR A 62 15.87 -9.46 -17.83
N ILE A 63 14.70 -8.90 -18.13
CA ILE A 63 13.49 -9.28 -17.39
C ILE A 63 13.11 -10.75 -17.62
N PRO A 64 13.05 -11.26 -18.86
CA PRO A 64 12.78 -12.70 -19.00
C PRO A 64 13.82 -13.58 -18.33
N VAL A 65 15.10 -13.19 -18.39
CA VAL A 65 16.15 -13.98 -17.76
C VAL A 65 15.98 -13.99 -16.25
N LEU A 66 15.67 -12.83 -15.67
CA LEU A 66 15.46 -12.73 -14.23
C LEU A 66 14.24 -13.55 -13.81
N LEU A 67 13.17 -13.49 -14.59
CA LEU A 67 11.99 -14.28 -14.26
C LEU A 67 12.29 -15.78 -14.32
N ASP A 68 13.02 -16.22 -15.35
CA ASP A 68 13.38 -17.62 -15.44
C ASP A 68 14.27 -18.05 -14.27
N ILE A 69 15.26 -17.23 -13.92
CA ILE A 69 16.14 -17.55 -12.80
C ILE A 69 15.35 -17.62 -11.51
N ALA A 70 14.43 -16.67 -11.30
CA ALA A 70 13.61 -16.66 -10.10
C ALA A 70 12.73 -17.89 -10.02
N GLU A 71 12.17 -18.32 -11.15
CA GLU A 71 11.37 -19.55 -11.15
C GLU A 71 12.23 -20.76 -10.82
N ARG A 72 13.45 -20.81 -11.36
CA ARG A 72 14.34 -21.93 -11.05
C ARG A 72 14.70 -21.96 -9.57
N THR A 73 14.94 -20.79 -8.97
CA THR A 73 15.28 -20.74 -7.55
C THR A 73 14.06 -20.86 -6.64
N GLY A 74 12.86 -20.84 -7.19
CA GLY A 74 11.64 -21.03 -6.44
C GLY A 74 10.93 -19.76 -6.04
N ASN A 75 11.61 -18.61 -6.06
CA ASN A 75 10.99 -17.34 -5.71
C ASN A 75 10.46 -16.67 -6.97
N MET A 76 9.23 -17.05 -7.34
CA MET A 76 8.51 -16.39 -8.43
C MET A 76 7.49 -15.40 -7.88
N ARG A 77 6.56 -15.89 -7.06
CA ARG A 77 5.58 -15.02 -6.44
C ARG A 77 6.25 -14.02 -5.51
N GLU A 78 7.24 -14.46 -4.75
CA GLU A 78 7.98 -13.56 -3.87
C GLU A 78 8.76 -12.52 -4.67
N PHE A 79 9.38 -12.94 -5.78
CA PHE A 79 10.19 -12.01 -6.57
C PHE A 79 9.34 -10.95 -7.25
N ILE A 80 8.26 -11.37 -7.93
CA ILE A 80 7.43 -10.41 -8.64
C ILE A 80 6.62 -9.52 -7.70
N ASN A 81 6.09 -10.06 -6.60
CA ASN A 81 5.20 -9.32 -5.73
C ASN A 81 5.91 -8.65 -4.57
N SER A 82 7.23 -8.51 -4.63
CA SER A 82 7.95 -7.86 -3.54
C SER A 82 7.64 -6.37 -3.52
N PRO A 83 7.10 -5.86 -2.42
CA PRO A 83 6.70 -4.44 -2.37
C PRO A 83 7.78 -3.54 -1.81
N PHE A 84 7.74 -2.26 -2.14
CA PHE A 84 8.64 -1.29 -1.55
C PHE A 84 8.33 -1.14 -0.06
N ARG A 85 9.39 -0.96 0.74
CA ARG A 85 9.25 -0.85 2.19
C ARG A 85 9.51 0.55 2.70
N ASP A 86 9.85 1.49 1.82
CA ASP A 86 10.13 2.85 2.25
C ASP A 86 8.83 3.60 2.56
N ILE A 87 8.99 4.77 3.19
CA ILE A 87 7.83 5.52 3.68
C ILE A 87 7.00 6.07 2.51
N TYR A 88 7.67 6.59 1.48
CA TYR A 88 7.00 7.31 0.41
C TYR A 88 6.48 6.40 -0.70
N TYR A 89 6.84 5.12 -0.70
CA TYR A 89 6.43 4.24 -1.79
C TYR A 89 5.91 2.88 -1.29
N ARG A 90 5.51 2.77 -0.03
CA ARG A 90 5.16 1.49 0.54
C ARG A 90 4.01 0.83 -0.20
N GLY A 91 4.15 -0.46 -0.49
CA GLY A 91 3.15 -1.24 -1.18
C GLY A 91 3.31 -1.31 -2.68
N GLN A 92 4.16 -0.47 -3.27
CA GLN A 92 4.33 -0.43 -4.71
C GLN A 92 5.05 -1.68 -5.18
N THR A 93 4.33 -2.58 -5.86
CA THR A 93 4.95 -3.76 -6.45
C THR A 93 5.51 -3.41 -7.82
N ALA A 94 5.96 -4.42 -8.57
CA ALA A 94 6.42 -4.21 -9.93
C ALA A 94 5.30 -4.04 -10.92
N LEU A 95 4.08 -4.49 -10.60
CA LEU A 95 2.95 -4.29 -11.49
C LEU A 95 2.61 -2.81 -11.62
N HIS A 96 2.64 -2.06 -10.52
CA HIS A 96 2.37 -0.63 -10.58
C HIS A 96 3.42 0.08 -11.44
N ILE A 97 4.69 -0.30 -11.30
CA ILE A 97 5.74 0.28 -12.12
C ILE A 97 5.58 -0.07 -13.59
N ALA A 98 5.21 -1.31 -13.92
CA ALA A 98 4.97 -1.71 -15.29
C ALA A 98 3.74 -1.06 -15.91
N ILE A 99 2.74 -0.70 -15.09
CA ILE A 99 1.57 0.01 -15.60
C ILE A 99 1.82 1.50 -15.77
N GLU A 100 2.50 2.13 -14.81
CA GLU A 100 2.83 3.56 -14.89
C GLU A 100 3.79 3.88 -16.02
N ARG A 101 4.67 2.93 -16.35
CA ARG A 101 5.62 3.11 -17.46
C ARG A 101 4.98 2.91 -18.82
N ARG A 102 3.70 2.54 -18.83
CA ARG A 102 2.92 2.37 -20.05
C ARG A 102 3.52 1.29 -20.95
N CYS A 103 3.92 0.18 -20.36
CA CYS A 103 4.46 -0.98 -21.07
C CYS A 103 3.50 -2.14 -20.88
N LYS A 104 2.61 -2.34 -21.87
CA LYS A 104 1.62 -3.40 -21.75
C LYS A 104 2.26 -4.78 -21.84
N HIS A 105 3.34 -4.90 -22.62
CA HIS A 105 3.99 -6.20 -22.78
C HIS A 105 4.47 -6.75 -21.45
N TYR A 106 5.17 -5.93 -20.67
CA TYR A 106 5.64 -6.39 -19.37
C TYR A 106 4.53 -6.50 -18.35
N VAL A 107 3.44 -5.74 -18.49
CA VAL A 107 2.27 -5.97 -17.66
C VAL A 107 1.72 -7.37 -17.89
N GLU A 108 1.58 -7.77 -19.16
CA GLU A 108 1.12 -9.12 -19.47
C GLU A 108 2.11 -10.16 -18.97
N LEU A 109 3.41 -9.90 -19.12
CA LEU A 109 4.41 -10.85 -18.65
C LEU A 109 4.32 -11.04 -17.13
N LEU A 110 4.15 -9.96 -16.38
CA LEU A 110 4.07 -10.05 -14.93
C LEU A 110 2.78 -10.74 -14.49
N VAL A 111 1.65 -10.35 -15.08
CA VAL A 111 0.38 -10.94 -14.67
C VAL A 111 0.33 -12.42 -15.02
N ALA A 112 0.89 -12.81 -16.16
CA ALA A 112 0.89 -14.23 -16.54
C ALA A 112 1.68 -15.06 -15.54
N GLN A 113 2.82 -14.54 -15.07
CA GLN A 113 3.65 -15.31 -14.16
C GLN A 113 3.07 -15.36 -12.75
N GLY A 114 2.07 -14.52 -12.45
CA GLY A 114 1.43 -14.59 -11.16
C GLY A 114 1.57 -13.34 -10.31
N ALA A 115 1.64 -12.18 -10.95
CA ALA A 115 1.72 -10.93 -10.20
C ALA A 115 0.45 -10.71 -9.39
N ASP A 116 0.62 -10.09 -8.22
CA ASP A 116 -0.51 -9.76 -7.35
C ASP A 116 -1.27 -8.60 -7.99
N VAL A 117 -2.39 -8.92 -8.65
CA VAL A 117 -3.15 -7.93 -9.39
C VAL A 117 -3.92 -7.00 -8.47
N HIS A 118 -4.02 -7.32 -7.17
CA HIS A 118 -4.77 -6.52 -6.21
C HIS A 118 -3.82 -6.01 -5.12
N ALA A 119 -2.64 -5.55 -5.54
CA ALA A 119 -1.62 -5.04 -4.63
C ALA A 119 -1.87 -3.56 -4.36
N GLN A 120 -1.96 -3.20 -3.09
CA GLN A 120 -2.26 -1.83 -2.69
C GLN A 120 -0.97 -1.08 -2.38
N ALA A 121 -0.80 0.08 -2.98
CA ALA A 121 0.34 0.95 -2.71
C ALA A 121 -0.07 1.99 -1.68
N ARG A 122 0.55 1.92 -0.49
CA ARG A 122 0.13 2.70 0.66
C ARG A 122 1.12 3.79 1.03
N GLY A 123 2.04 4.13 0.12
CA GLY A 123 3.04 5.14 0.42
C GLY A 123 2.46 6.53 0.48
N ARG A 124 3.26 7.47 1.01
CA ARG A 124 2.80 8.84 1.12
C ARG A 124 2.60 9.49 -0.24
N PHE A 125 3.35 9.05 -1.25
CA PHE A 125 3.14 9.55 -2.61
C PHE A 125 1.85 9.06 -3.22
N PHE A 126 1.19 8.07 -2.60
CA PHE A 126 -0.05 7.51 -3.09
C PHE A 126 -1.21 7.88 -2.16
N GLN A 127 -1.11 9.07 -1.55
CA GLN A 127 -2.16 9.64 -0.73
C GLN A 127 -2.73 10.88 -1.40
N PRO A 128 -3.98 11.23 -1.09
CA PRO A 128 -4.56 12.45 -1.69
C PRO A 128 -3.73 13.68 -1.36
N LYS A 129 -3.73 14.64 -2.29
CA LYS A 129 -2.95 15.87 -2.14
C LYS A 129 -3.29 16.59 -0.84
N ASP A 130 -4.55 16.46 -0.40
CA ASP A 130 -4.96 17.04 0.87
C ASP A 130 -4.20 16.41 2.03
N GLU A 131 -3.99 15.10 1.97
CA GLU A 131 -3.31 14.37 3.04
C GLU A 131 -1.79 14.42 2.93
N GLY A 132 -1.25 15.14 1.95
CA GLY A 132 0.19 15.24 1.80
C GLY A 132 0.75 14.20 0.85
N GLY A 133 0.18 14.13 -0.36
CA GLY A 133 0.64 13.18 -1.35
C GLY A 133 0.63 13.83 -2.72
N TYR A 134 1.09 13.06 -3.71
CA TYR A 134 1.20 13.54 -5.08
C TYR A 134 0.20 12.85 -6.01
N PHE A 135 0.21 11.52 -6.07
CA PHE A 135 -0.57 10.76 -7.04
C PHE A 135 -1.45 9.77 -6.31
N TYR A 136 -2.71 10.13 -6.09
CA TYR A 136 -3.70 9.21 -5.55
C TYR A 136 -4.51 8.64 -6.71
N PHE A 137 -4.28 7.37 -7.03
CA PHE A 137 -4.92 6.71 -8.15
C PHE A 137 -5.89 5.61 -7.71
N GLY A 138 -6.11 5.44 -6.41
CA GLY A 138 -6.92 4.36 -5.90
C GLY A 138 -6.15 3.19 -5.33
N GLU A 139 -4.82 3.23 -5.40
CA GLU A 139 -3.93 2.27 -4.75
C GLU A 139 -3.94 0.90 -5.42
N LEU A 140 -4.80 0.69 -6.41
CA LEU A 140 -4.90 -0.61 -7.05
C LEU A 140 -4.26 -0.57 -8.43
N PRO A 141 -3.67 -1.69 -8.88
CA PRO A 141 -3.09 -1.73 -10.22
C PRO A 141 -4.10 -1.47 -11.33
N LEU A 142 -5.33 -1.94 -11.21
CA LEU A 142 -6.38 -1.61 -12.17
C LEU A 142 -6.81 -0.16 -12.08
N SER A 143 -6.94 0.38 -10.87
CA SER A 143 -7.24 1.79 -10.70
C SER A 143 -6.12 2.69 -11.22
N LEU A 144 -4.86 2.27 -11.08
CA LEU A 144 -3.76 3.05 -11.66
C LEU A 144 -3.90 3.13 -13.17
N ALA A 145 -4.20 2.01 -13.83
CA ALA A 145 -4.39 2.02 -15.27
C ALA A 145 -5.59 2.85 -15.67
N ALA A 146 -6.67 2.78 -14.89
CA ALA A 146 -7.86 3.57 -15.19
C ALA A 146 -7.57 5.07 -15.07
N CYS A 147 -6.85 5.47 -14.03
CA CYS A 147 -6.53 6.88 -13.81
C CYS A 147 -5.39 7.37 -14.69
N THR A 148 -4.66 6.48 -15.33
CA THR A 148 -3.58 6.86 -16.24
C THR A 148 -4.06 6.96 -17.67
N ASN A 149 -5.34 6.71 -17.93
CA ASN A 149 -5.94 6.70 -19.27
C ASN A 149 -5.23 5.67 -20.16
N GLN A 150 -5.38 4.41 -19.75
CA GLN A 150 -4.80 3.27 -20.44
C GLN A 150 -5.89 2.22 -20.62
N PRO A 151 -6.81 2.43 -21.57
CA PRO A 151 -7.94 1.50 -21.71
C PRO A 151 -7.52 0.09 -22.06
N HIS A 152 -6.45 -0.10 -22.85
CA HIS A 152 -6.04 -1.44 -23.23
C HIS A 152 -5.55 -2.23 -22.02
N ILE A 153 -4.76 -1.61 -21.15
CA ILE A 153 -4.29 -2.31 -19.96
C ILE A 153 -5.46 -2.60 -19.02
N VAL A 154 -6.42 -1.69 -18.94
CA VAL A 154 -7.62 -1.94 -18.13
C VAL A 154 -8.37 -3.15 -18.66
N ASN A 155 -8.56 -3.21 -19.98
CA ASN A 155 -9.26 -4.35 -20.58
C ASN A 155 -8.51 -5.65 -20.35
N TYR A 156 -7.18 -5.62 -20.46
CA TYR A 156 -6.40 -6.82 -20.22
C TYR A 156 -6.52 -7.26 -18.76
N LEU A 157 -6.36 -6.32 -17.82
CA LEU A 157 -6.41 -6.67 -16.41
C LEU A 157 -7.78 -7.19 -16.00
N THR A 158 -8.83 -6.70 -16.65
CA THR A 158 -10.18 -7.19 -16.36
C THR A 158 -10.57 -8.39 -17.21
N GLU A 159 -9.73 -8.80 -18.17
CA GLU A 159 -10.02 -9.95 -19.02
C GLU A 159 -8.83 -10.89 -19.15
N ASN A 160 -8.07 -11.08 -18.06
CA ASN A 160 -6.97 -12.03 -18.09
C ASN A 160 -7.50 -13.47 -18.16
N PRO A 161 -6.81 -14.35 -18.89
CA PRO A 161 -7.09 -15.78 -18.72
C PRO A 161 -6.60 -16.32 -17.39
N HIS A 162 -5.55 -15.73 -16.82
CA HIS A 162 -4.95 -16.23 -15.58
C HIS A 162 -5.68 -15.70 -14.35
N LYS A 163 -5.65 -14.38 -14.15
CA LYS A 163 -6.26 -13.76 -12.97
C LYS A 163 -6.76 -12.37 -13.35
N LYS A 164 -8.07 -12.16 -13.18
CA LYS A 164 -8.72 -10.93 -13.57
C LYS A 164 -8.86 -10.03 -12.35
N ALA A 165 -8.54 -8.74 -12.52
CA ALA A 165 -8.74 -7.77 -11.47
C ALA A 165 -10.23 -7.41 -11.39
N ASP A 166 -10.88 -7.79 -10.30
CA ASP A 166 -12.27 -7.42 -10.13
C ASP A 166 -12.39 -5.92 -9.89
N MET A 167 -13.46 -5.34 -10.44
CA MET A 167 -13.62 -3.89 -10.43
C MET A 167 -14.37 -3.39 -9.21
N ARG A 168 -14.90 -4.28 -8.39
CA ARG A 168 -15.63 -3.92 -7.18
C ARG A 168 -14.72 -3.80 -5.96
N ARG A 169 -13.42 -3.98 -6.13
CA ARG A 169 -12.51 -3.94 -5.01
C ARG A 169 -12.29 -2.50 -4.54
N GLN A 170 -12.11 -2.36 -3.23
CA GLN A 170 -11.88 -1.07 -2.61
C GLN A 170 -10.51 -1.08 -1.93
N ASP A 171 -9.90 0.10 -1.86
CA ASP A 171 -8.59 0.23 -1.23
C ASP A 171 -8.78 0.44 0.27
N SER A 172 -7.72 0.84 0.96
CA SER A 172 -7.80 1.04 2.41
C SER A 172 -8.81 2.12 2.77
N ARG A 173 -8.94 3.14 1.93
CA ARG A 173 -9.89 4.22 2.13
C ARG A 173 -11.29 3.86 1.65
N GLY A 174 -11.46 2.71 0.98
CA GLY A 174 -12.74 2.30 0.48
C GLY A 174 -13.06 2.75 -0.92
N ASN A 175 -12.18 3.54 -1.55
CA ASN A 175 -12.43 4.02 -2.90
C ASN A 175 -12.25 2.91 -3.91
N THR A 176 -13.26 2.72 -4.77
CA THR A 176 -13.17 1.75 -5.85
C THR A 176 -12.52 2.41 -7.06
N VAL A 177 -12.59 1.77 -8.22
CA VAL A 177 -12.04 2.37 -9.43
C VAL A 177 -12.84 3.61 -9.82
N LEU A 178 -14.17 3.54 -9.69
CA LEU A 178 -15.02 4.69 -9.99
C LEU A 178 -14.76 5.85 -9.05
N HIS A 179 -14.51 5.56 -7.77
CA HIS A 179 -14.11 6.59 -6.82
C HIS A 179 -12.74 7.17 -7.11
N ALA A 180 -11.81 6.36 -7.63
CA ALA A 180 -10.48 6.81 -7.98
C ALA A 180 -10.46 7.63 -9.26
N LEU A 181 -11.43 7.43 -10.15
CA LEU A 181 -11.56 8.27 -11.34
C LEU A 181 -12.13 9.64 -11.04
N VAL A 182 -12.69 9.85 -9.85
CA VAL A 182 -13.22 11.14 -9.45
C VAL A 182 -12.18 12.00 -8.75
N ALA A 183 -11.22 11.36 -8.05
CA ALA A 183 -10.13 12.07 -7.42
C ALA A 183 -9.00 12.44 -8.37
N ILE A 184 -8.96 11.87 -9.57
CA ILE A 184 -7.94 12.20 -10.55
C ILE A 184 -8.51 13.08 -11.66
N ALA A 185 -9.77 13.50 -11.53
CA ALA A 185 -10.47 14.23 -12.57
C ALA A 185 -10.38 15.72 -12.27
N ASP A 186 -9.79 16.48 -13.21
CA ASP A 186 -9.79 17.92 -13.16
C ASP A 186 -10.98 18.44 -13.95
N ASN A 187 -11.12 19.76 -14.01
CA ASN A 187 -12.21 20.39 -14.74
C ASN A 187 -11.82 20.78 -16.16
N THR A 188 -10.61 20.44 -16.60
CA THR A 188 -10.20 20.73 -17.96
C THR A 188 -10.95 19.83 -18.94
N ARG A 189 -10.99 20.28 -20.20
CA ARG A 189 -11.72 19.55 -21.22
C ARG A 189 -11.15 18.16 -21.47
N GLU A 190 -9.83 18.03 -21.52
CA GLU A 190 -9.22 16.72 -21.76
C GLU A 190 -9.51 15.75 -20.62
N ASN A 191 -9.38 16.23 -19.37
CA ASN A 191 -9.69 15.37 -18.22
C ASN A 191 -11.16 14.97 -18.22
N THR A 192 -12.05 15.93 -18.45
CA THR A 192 -13.47 15.60 -18.51
C THR A 192 -13.81 14.78 -19.74
N LYS A 193 -12.88 14.63 -20.68
CA LYS A 193 -13.13 13.86 -21.89
C LYS A 193 -12.56 12.44 -21.82
N PHE A 194 -11.54 12.18 -21.01
CA PHE A 194 -11.18 10.78 -20.87
C PHE A 194 -11.64 10.16 -19.57
N VAL A 195 -11.77 10.95 -18.50
CA VAL A 195 -12.24 10.40 -17.23
C VAL A 195 -13.66 9.86 -17.38
N THR A 196 -14.53 10.62 -18.05
CA THR A 196 -15.89 10.15 -18.26
C THR A 196 -15.93 8.93 -19.16
N LYS A 197 -15.07 8.90 -20.19
CA LYS A 197 -15.02 7.75 -21.08
C LYS A 197 -14.61 6.48 -20.33
N MET A 198 -13.57 6.57 -19.51
CA MET A 198 -13.14 5.42 -18.72
C MET A 198 -14.16 5.06 -17.65
N TYR A 199 -14.82 6.05 -17.07
CA TYR A 199 -15.89 5.79 -16.09
C TYR A 199 -17.01 4.98 -16.73
N ASP A 200 -17.50 5.40 -17.90
CA ASP A 200 -18.50 4.64 -18.62
C ASP A 200 -18.01 3.26 -19.04
N LEU A 201 -16.77 3.15 -19.53
CA LEU A 201 -16.22 1.85 -19.89
C LEU A 201 -16.26 0.89 -18.72
N LEU A 202 -15.75 1.33 -17.57
CA LEU A 202 -15.71 0.46 -16.38
C LEU A 202 -17.11 0.14 -15.87
N LEU A 203 -18.02 1.13 -15.90
CA LEU A 203 -19.38 0.88 -15.42
C LEU A 203 -20.09 -0.15 -16.30
N LEU A 204 -19.98 0.00 -17.62
CA LEU A 204 -20.58 -0.99 -18.51
C LEU A 204 -19.91 -2.36 -18.37
N LYS A 205 -18.60 -2.40 -18.19
CA LYS A 205 -17.92 -3.68 -18.03
C LYS A 205 -18.41 -4.39 -16.77
N CYS A 206 -18.56 -3.66 -15.67
CA CYS A 206 -19.06 -4.22 -14.43
C CYS A 206 -20.55 -4.58 -14.50
N ALA A 207 -21.32 -3.88 -15.33
CA ALA A 207 -22.72 -4.24 -15.55
C ALA A 207 -22.85 -5.54 -16.33
N ARG A 208 -22.05 -5.71 -17.38
CA ARG A 208 -22.10 -6.96 -18.14
C ARG A 208 -21.53 -8.12 -17.35
N LEU A 209 -20.38 -7.93 -16.70
CA LEU A 209 -19.73 -9.03 -16.00
C LEU A 209 -20.51 -9.43 -14.76
N PHE A 210 -20.99 -8.44 -14.00
CA PHE A 210 -21.87 -8.72 -12.86
C PHE A 210 -23.22 -8.03 -13.08
N PRO A 211 -24.19 -8.73 -13.67
CA PRO A 211 -25.49 -8.09 -13.94
C PRO A 211 -26.23 -7.63 -12.69
N ASP A 212 -26.05 -8.31 -11.56
CA ASP A 212 -26.83 -8.02 -10.36
C ASP A 212 -26.17 -6.99 -9.45
N SER A 213 -25.03 -6.44 -9.84
CA SER A 213 -24.31 -5.47 -9.02
C SER A 213 -24.14 -4.17 -9.77
N ASN A 214 -24.31 -3.06 -9.08
CA ASN A 214 -24.08 -1.73 -9.61
C ASN A 214 -22.81 -1.17 -8.96
N LEU A 215 -21.79 -0.90 -9.78
CA LEU A 215 -20.51 -0.44 -9.26
C LEU A 215 -20.59 0.98 -8.71
N GLU A 216 -21.64 1.74 -9.04
CA GLU A 216 -21.82 3.09 -8.53
C GLU A 216 -22.55 3.14 -7.20
N ALA A 217 -22.90 1.97 -6.64
CA ALA A 217 -23.64 1.91 -5.39
C ALA A 217 -22.79 1.42 -4.22
N VAL A 218 -21.49 1.22 -4.40
CA VAL A 218 -20.62 0.77 -3.32
C VAL A 218 -19.94 1.96 -2.67
N LEU A 219 -20.44 2.36 -1.50
CA LEU A 219 -19.90 3.52 -0.80
C LEU A 219 -18.54 3.20 -0.19
N ASN A 220 -17.69 4.21 -0.10
CA ASN A 220 -16.39 4.06 0.52
C ASN A 220 -16.50 4.15 2.03
N ASN A 221 -15.36 4.28 2.71
CA ASN A 221 -15.35 4.42 4.17
C ASN A 221 -16.03 5.70 4.65
N ASP A 222 -16.20 6.69 3.78
CA ASP A 222 -16.90 7.92 4.11
C ASP A 222 -18.39 7.86 3.74
N GLY A 223 -18.85 6.74 3.16
CA GLY A 223 -20.24 6.60 2.78
C GLY A 223 -20.64 7.34 1.53
N LEU A 224 -19.69 7.72 0.68
CA LEU A 224 -19.96 8.52 -0.51
C LEU A 224 -19.89 7.67 -1.76
N SER A 225 -20.96 7.69 -2.56
CA SER A 225 -20.96 7.09 -3.88
C SER A 225 -20.15 7.99 -4.81
N PRO A 226 -19.75 7.52 -6.00
CA PRO A 226 -18.96 8.38 -6.88
C PRO A 226 -19.63 9.71 -7.21
N LEU A 227 -20.95 9.73 -7.38
CA LEU A 227 -21.65 10.99 -7.60
C LEU A 227 -21.53 11.90 -6.39
N MET A 228 -21.70 11.33 -5.18
CA MET A 228 -21.58 12.12 -3.96
C MET A 228 -20.17 12.67 -3.79
N MET A 229 -19.16 11.85 -4.08
CA MET A 229 -17.77 12.32 -3.96
C MET A 229 -17.46 13.38 -5.00
N ALA A 230 -18.04 13.25 -6.20
CA ALA A 230 -17.85 14.28 -7.22
C ALA A 230 -18.48 15.60 -6.78
N ALA A 231 -19.67 15.53 -6.18
CA ALA A 231 -20.31 16.75 -5.68
C ALA A 231 -19.51 17.35 -4.52
N LYS A 232 -18.94 16.50 -3.66
CA LYS A 232 -18.22 17.00 -2.50
C LYS A 232 -16.88 17.63 -2.87
N THR A 233 -16.12 16.98 -3.74
CA THR A 233 -14.73 17.37 -4.02
C THR A 233 -14.60 18.36 -5.17
N GLY A 234 -15.70 18.97 -5.61
CA GLY A 234 -15.63 20.00 -6.62
C GLY A 234 -15.20 19.55 -8.00
N LYS A 235 -15.74 18.43 -8.47
CA LYS A 235 -15.49 17.94 -9.83
C LYS A 235 -16.80 18.05 -10.60
N ILE A 236 -16.86 19.00 -11.55
CA ILE A 236 -18.13 19.30 -12.18
C ILE A 236 -18.32 18.50 -13.47
N GLY A 237 -17.25 18.20 -14.19
CA GLY A 237 -17.41 17.48 -15.45
C GLY A 237 -17.94 16.08 -15.26
N ILE A 238 -17.31 15.31 -14.38
CA ILE A 238 -17.80 13.96 -14.09
C ILE A 238 -19.15 14.02 -13.39
N PHE A 239 -19.40 15.07 -12.60
CA PHE A 239 -20.69 15.23 -11.95
C PHE A 239 -21.80 15.36 -12.97
N GLN A 240 -21.64 16.26 -13.94
CA GLN A 240 -22.62 16.43 -15.00
C GLN A 240 -22.75 15.17 -15.85
N HIS A 241 -21.62 14.50 -16.14
CA HIS A 241 -21.70 13.29 -16.96
C HIS A 241 -22.47 12.18 -16.25
N ILE A 242 -22.25 12.00 -14.95
CA ILE A 242 -22.97 10.99 -14.21
C ILE A 242 -24.45 11.33 -14.14
N ILE A 243 -24.79 12.59 -13.85
CA ILE A 243 -26.20 12.95 -13.78
C ILE A 243 -26.90 12.83 -15.12
N ARG A 244 -26.26 13.25 -16.21
CA ARG A 244 -26.88 13.25 -17.54
C ARG A 244 -26.50 12.01 -18.33
N ARG A 245 -26.31 10.88 -17.67
CA ARG A 245 -25.80 9.69 -18.34
C ARG A 245 -26.87 9.08 -19.24
N GLU A 246 -26.48 8.76 -20.48
CA GLU A 246 -27.32 8.04 -21.42
C GLU A 246 -26.49 6.92 -22.04
N VAL A 247 -27.02 5.70 -22.01
CA VAL A 247 -26.37 4.55 -22.61
C VAL A 247 -27.35 3.87 -23.57
N THR A 248 -26.85 3.46 -24.72
CA THR A 248 -27.67 2.93 -25.80
C THR A 248 -27.78 1.42 -25.80
N ASP A 249 -26.78 0.71 -25.29
CA ASP A 249 -26.80 -0.75 -25.27
C ASP A 249 -28.00 -1.26 -24.50
N GLU A 250 -28.74 -2.19 -25.11
CA GLU A 250 -29.96 -2.68 -24.48
C GLU A 250 -29.67 -3.54 -23.25
N ASP A 251 -28.57 -4.29 -23.28
CA ASP A 251 -28.22 -5.13 -22.13
C ASP A 251 -27.86 -4.28 -20.93
N THR A 252 -27.26 -3.11 -21.14
CA THR A 252 -26.89 -2.23 -20.05
C THR A 252 -27.57 -0.88 -20.19
N ARG A 253 -28.85 -0.89 -20.53
CA ARG A 253 -29.65 0.33 -20.65
C ARG A 253 -30.23 0.79 -19.31
N HIS A 254 -30.13 -0.04 -18.28
CA HIS A 254 -30.65 0.30 -16.96
C HIS A 254 -29.72 1.24 -16.20
N LEU A 255 -28.54 1.52 -16.73
CA LEU A 255 -27.59 2.44 -16.09
C LEU A 255 -27.84 3.89 -16.47
N SER A 256 -28.81 4.15 -17.35
CA SER A 256 -29.12 5.50 -17.75
C SER A 256 -29.70 6.30 -16.58
N ARG A 257 -29.31 7.57 -16.51
CA ARG A 257 -29.91 8.51 -15.57
C ARG A 257 -30.77 9.56 -16.24
N LYS A 258 -30.69 9.70 -17.56
CA LYS A 258 -31.51 10.62 -18.33
C LYS A 258 -32.27 9.84 -19.38
N PHE A 259 -33.60 9.90 -19.32
CA PHE A 259 -34.48 9.15 -20.21
C PHE A 259 -35.28 10.14 -21.05
N LYS A 260 -34.94 10.23 -22.33
CA LYS A 260 -35.73 11.06 -23.23
C LYS A 260 -37.13 10.50 -23.38
N ASP A 261 -38.10 11.17 -22.76
CA ASP A 261 -39.48 10.70 -22.79
C ASP A 261 -40.17 10.94 -24.13
N TRP A 262 -39.99 12.13 -24.71
CA TRP A 262 -40.54 12.42 -26.02
C TRP A 262 -39.75 13.56 -26.63
N ALA A 263 -39.87 13.72 -27.95
CA ALA A 263 -39.15 14.75 -28.67
C ALA A 263 -40.00 15.25 -29.82
N TYR A 264 -40.12 16.57 -29.93
CA TYR A 264 -40.84 17.23 -31.02
C TYR A 264 -39.93 18.27 -31.62
N GLY A 265 -39.23 17.91 -32.70
CA GLY A 265 -38.25 18.78 -33.30
C GLY A 265 -37.13 19.11 -32.33
N PRO A 266 -36.75 20.39 -32.27
CA PRO A 266 -35.71 20.79 -31.30
C PRO A 266 -36.10 20.52 -29.86
N VAL A 267 -37.38 20.65 -29.52
CA VAL A 267 -37.81 20.44 -28.15
C VAL A 267 -37.86 18.95 -27.83
N TYR A 268 -37.31 18.59 -26.68
CA TYR A 268 -37.37 17.21 -26.20
C TYR A 268 -37.47 17.23 -24.68
N SER A 269 -38.30 16.34 -24.15
CA SER A 269 -38.51 16.22 -22.71
C SER A 269 -37.80 14.97 -22.21
N SER A 270 -36.96 15.13 -21.20
CA SER A 270 -36.13 14.04 -20.68
C SER A 270 -36.33 13.92 -19.18
N LEU A 271 -36.55 12.69 -18.72
CA LEU A 271 -36.69 12.44 -17.29
C LEU A 271 -35.31 12.27 -16.67
N TYR A 272 -35.06 12.97 -15.57
CA TYR A 272 -33.81 12.85 -14.82
C TYR A 272 -34.05 12.04 -13.55
N ASP A 273 -33.17 11.07 -13.31
CA ASP A 273 -33.30 10.18 -12.15
C ASP A 273 -32.94 10.95 -10.89
N LEU A 274 -33.89 11.06 -9.96
CA LEU A 274 -33.66 11.72 -8.68
C LEU A 274 -33.20 10.68 -7.65
N SER A 275 -32.14 9.97 -8.02
CA SER A 275 -31.50 8.97 -7.15
C SER A 275 -30.26 9.63 -6.56
N SER A 276 -30.17 9.61 -5.23
CA SER A 276 -29.07 10.22 -4.48
C SER A 276 -29.11 11.74 -4.55
N LEU A 277 -30.06 12.30 -5.30
CA LEU A 277 -30.25 13.74 -5.36
C LEU A 277 -31.39 14.23 -4.47
N ASP A 278 -32.55 13.59 -4.55
CA ASP A 278 -33.68 13.88 -3.65
C ASP A 278 -34.13 12.53 -3.10
N THR A 279 -33.47 12.10 -2.02
CA THR A 279 -33.69 10.78 -1.45
C THR A 279 -34.56 10.79 -0.22
N CYS A 280 -35.23 11.91 0.08
CA CYS A 280 -36.19 12.03 1.17
C CYS A 280 -35.58 11.81 2.55
N GLY A 281 -34.27 12.04 2.70
CA GLY A 281 -33.65 12.11 4.00
C GLY A 281 -33.12 10.80 4.55
N GLU A 282 -33.75 9.66 4.23
CA GLU A 282 -33.30 8.40 4.80
C GLU A 282 -31.91 8.01 4.29
N GLU A 283 -31.48 8.60 3.18
CA GLU A 283 -30.15 8.40 2.63
C GLU A 283 -29.47 9.75 2.48
N ALA A 284 -28.20 9.74 2.10
CA ALA A 284 -27.50 10.97 1.81
C ALA A 284 -27.95 11.54 0.47
N SER A 285 -27.93 12.86 0.36
CA SER A 285 -28.39 13.56 -0.83
C SER A 285 -27.25 14.36 -1.43
N VAL A 286 -27.21 14.42 -2.76
CA VAL A 286 -26.22 15.26 -3.44
C VAL A 286 -26.48 16.73 -3.15
N LEU A 287 -27.76 17.11 -3.05
CA LEU A 287 -28.10 18.51 -2.76
C LEU A 287 -27.53 18.97 -1.42
N GLU A 288 -27.67 18.14 -0.38
CA GLU A 288 -27.14 18.50 0.93
C GLU A 288 -25.63 18.65 0.89
N ILE A 289 -24.95 17.72 0.21
CA ILE A 289 -23.50 17.81 0.09
C ILE A 289 -23.10 19.09 -0.63
N LEU A 290 -23.78 19.43 -1.71
CA LEU A 290 -23.50 20.66 -2.46
C LEU A 290 -23.73 21.91 -1.63
N VAL A 291 -24.83 21.98 -0.88
CA VAL A 291 -25.14 23.23 -0.17
C VAL A 291 -24.48 23.33 1.19
N TYR A 292 -23.90 22.25 1.72
CA TYR A 292 -23.19 22.31 3.00
C TYR A 292 -21.70 22.06 2.86
N ASN A 293 -21.29 20.91 2.33
CA ASN A 293 -19.90 20.46 2.40
C ASN A 293 -19.10 20.69 1.13
N SER A 294 -19.72 21.28 0.10
CA SER A 294 -19.02 21.55 -1.17
C SER A 294 -18.53 22.99 -1.16
N LYS A 295 -17.46 23.22 -0.42
CA LYS A 295 -16.90 24.56 -0.27
C LYS A 295 -16.21 25.06 -1.53
N ILE A 296 -16.06 24.22 -2.54
CA ILE A 296 -15.40 24.62 -3.77
C ILE A 296 -16.14 25.78 -4.42
N GLU A 297 -15.42 26.56 -5.23
CA GLU A 297 -16.03 27.66 -5.98
C GLU A 297 -16.94 27.17 -7.09
N ASN A 298 -16.93 25.87 -7.41
CA ASN A 298 -17.82 25.30 -8.41
C ASN A 298 -19.23 25.05 -7.88
N ARG A 299 -19.51 25.41 -6.62
CA ARG A 299 -20.81 25.14 -6.04
C ARG A 299 -21.93 25.83 -6.82
N HIS A 300 -21.73 27.10 -7.16
CA HIS A 300 -22.73 27.85 -7.92
C HIS A 300 -22.81 27.40 -9.37
N GLU A 301 -21.84 26.59 -9.84
CA GLU A 301 -21.90 26.02 -11.17
C GLU A 301 -22.52 24.62 -11.17
N MET A 302 -22.42 23.88 -10.08
CA MET A 302 -23.12 22.62 -9.94
C MET A 302 -24.56 22.77 -9.49
N LEU A 303 -24.90 23.89 -8.86
CA LEU A 303 -26.28 24.19 -8.53
C LEU A 303 -27.05 24.76 -9.72
N ALA A 304 -26.50 24.62 -10.93
CA ALA A 304 -27.17 25.03 -12.15
C ALA A 304 -27.36 23.88 -13.14
N VAL A 305 -27.01 22.65 -12.74
CA VAL A 305 -27.26 21.50 -13.60
C VAL A 305 -28.77 21.35 -13.82
N GLU A 306 -29.12 20.79 -14.98
CA GLU A 306 -30.51 20.82 -15.43
C GLU A 306 -31.50 20.24 -14.44
N PRO A 307 -31.29 19.08 -13.82
CA PRO A 307 -32.26 18.64 -12.80
C PRO A 307 -32.17 19.42 -11.51
N ILE A 308 -30.95 19.68 -11.02
CA ILE A 308 -30.77 20.32 -9.72
C ILE A 308 -31.37 21.71 -9.69
N ASN A 309 -31.15 22.50 -10.73
CA ASN A 309 -31.70 23.85 -10.76
C ASN A 309 -33.23 23.83 -10.69
N GLU A 310 -33.85 22.96 -11.47
CA GLU A 310 -35.31 22.82 -11.41
C GLU A 310 -35.78 22.03 -10.20
N LEU A 311 -34.95 21.11 -9.68
CA LEU A 311 -35.34 20.37 -8.49
C LEU A 311 -35.51 21.29 -7.30
N LEU A 312 -34.57 22.22 -7.11
CA LEU A 312 -34.71 23.21 -6.05
C LEU A 312 -35.90 24.13 -6.31
N ARG A 313 -36.08 24.53 -7.57
CA ARG A 313 -37.18 25.43 -7.91
C ARG A 313 -38.53 24.77 -7.69
N ASP A 314 -38.65 23.49 -8.05
CA ASP A 314 -39.92 22.79 -7.88
C ASP A 314 -40.29 22.68 -6.40
N LYS A 315 -39.29 22.55 -5.52
CA LYS A 315 -39.56 22.51 -4.09
C LYS A 315 -40.13 23.83 -3.60
N TRP A 316 -39.71 24.94 -4.20
CA TRP A 316 -40.21 26.25 -3.80
C TRP A 316 -41.71 26.37 -4.05
N ARG A 317 -42.16 25.88 -5.21
CA ARG A 317 -43.58 25.97 -5.54
C ARG A 317 -44.42 25.10 -4.63
N LYS A 318 -43.91 23.91 -4.28
CA LYS A 318 -44.71 22.96 -3.51
C LYS A 318 -44.91 23.42 -2.07
N PHE A 319 -43.82 23.57 -1.32
CA PHE A 319 -43.93 23.91 0.09
C PHE A 319 -43.09 25.13 0.44
N GLY A 320 -42.15 25.49 -0.44
CA GLY A 320 -41.29 26.63 -0.21
C GLY A 320 -42.01 27.96 -0.32
N PRO B 226 33.88 30.82 7.77
CA PRO B 226 33.33 31.28 6.49
C PRO B 226 31.80 31.19 6.44
N LEU B 227 31.25 30.06 6.90
CA LEU B 227 29.80 29.91 6.93
C LEU B 227 29.18 30.92 7.89
N MET B 228 29.80 31.14 9.04
CA MET B 228 29.29 32.11 9.99
C MET B 228 29.35 33.52 9.42
N MET B 229 30.42 33.83 8.68
CA MET B 229 30.51 35.13 8.02
C MET B 229 29.41 35.29 6.98
N ALA B 230 29.12 34.22 6.22
CA ALA B 230 28.02 34.26 5.26
C ALA B 230 26.69 34.47 5.96
N ALA B 231 26.47 33.81 7.09
CA ALA B 231 25.23 33.98 7.85
C ALA B 231 25.09 35.41 8.35
N LYS B 232 26.19 35.99 8.85
CA LYS B 232 26.14 37.35 9.38
C LYS B 232 25.91 38.37 8.26
N THR B 233 26.61 38.20 7.13
CA THR B 233 26.54 39.17 6.04
C THR B 233 25.38 38.93 5.10
N GLY B 234 24.58 37.89 5.33
CA GLY B 234 23.40 37.64 4.52
C GLY B 234 23.68 37.28 3.07
N LYS B 235 24.67 36.42 2.84
CA LYS B 235 24.98 35.90 1.52
C LYS B 235 24.21 34.59 1.35
N ILE B 236 23.06 34.66 0.68
CA ILE B 236 22.19 33.49 0.56
C ILE B 236 22.83 32.41 -0.31
N GLY B 237 23.47 32.81 -1.41
CA GLY B 237 23.98 31.82 -2.35
C GLY B 237 25.07 30.95 -1.76
N ILE B 238 26.09 31.59 -1.16
CA ILE B 238 27.20 30.83 -0.61
C ILE B 238 26.80 30.07 0.65
N PHE B 239 25.90 30.63 1.47
CA PHE B 239 25.40 29.88 2.62
C PHE B 239 24.64 28.64 2.18
N GLN B 240 23.79 28.79 1.16
CA GLN B 240 23.04 27.65 0.63
C GLN B 240 23.98 26.60 0.07
N HIS B 241 25.03 27.03 -0.63
CA HIS B 241 26.00 26.07 -1.15
C HIS B 241 26.75 25.35 -0.03
N ILE B 242 27.22 26.09 0.97
CA ILE B 242 28.04 25.50 2.03
C ILE B 242 27.20 24.54 2.87
N ILE B 243 25.93 24.87 3.08
CA ILE B 243 25.08 24.01 3.90
C ILE B 243 24.95 22.62 3.28
N ARG B 244 24.76 22.55 1.97
CA ARG B 244 24.43 21.29 1.29
C ARG B 244 25.54 20.85 0.33
N ARG B 245 26.78 21.20 0.63
CA ARG B 245 27.90 20.90 -0.26
C ARG B 245 28.25 19.43 -0.17
N GLU B 246 28.36 18.77 -1.32
CA GLU B 246 28.83 17.38 -1.40
C GLU B 246 30.05 17.35 -2.30
N VAL B 247 31.07 16.63 -1.88
CA VAL B 247 32.25 16.39 -2.70
C VAL B 247 32.18 14.94 -3.18
N THR B 248 32.03 14.76 -4.49
CA THR B 248 31.84 13.41 -5.02
C THR B 248 33.12 12.59 -4.95
N ASP B 249 34.27 13.25 -4.87
CA ASP B 249 35.54 12.54 -4.86
C ASP B 249 35.68 11.70 -3.60
N GLU B 250 36.10 10.45 -3.79
CA GLU B 250 36.33 9.55 -2.66
C GLU B 250 37.51 10.00 -1.80
N ASP B 251 38.46 10.73 -2.39
CA ASP B 251 39.64 11.17 -1.64
C ASP B 251 39.25 12.07 -0.47
N THR B 252 38.28 12.96 -0.68
CA THR B 252 37.85 13.91 0.35
C THR B 252 36.32 13.87 0.50
N ARG B 253 35.85 12.91 1.32
CA ARG B 253 34.49 12.93 1.83
C ARG B 253 34.38 13.64 3.16
N HIS B 254 35.50 14.08 3.73
CA HIS B 254 35.49 14.74 5.03
C HIS B 254 34.82 16.11 4.95
N LEU B 255 34.84 16.74 3.79
CA LEU B 255 34.34 18.10 3.64
C LEU B 255 32.87 18.17 3.25
N SER B 256 32.27 17.07 2.82
CA SER B 256 30.86 17.11 2.43
C SER B 256 29.98 17.19 3.67
N ARG B 257 28.79 17.78 3.48
CA ARG B 257 27.84 17.96 4.56
C ARG B 257 26.51 17.27 4.32
N LYS B 258 25.96 17.40 3.11
CA LYS B 258 24.66 16.77 2.79
C LYS B 258 24.92 15.36 2.27
N PHE B 259 25.18 14.46 3.21
CA PHE B 259 25.40 13.06 2.87
C PHE B 259 24.10 12.44 2.35
N LYS B 260 24.23 11.58 1.35
CA LYS B 260 23.09 10.94 0.71
C LYS B 260 22.96 9.51 1.16
N ASP B 261 21.77 9.13 1.62
CA ASP B 261 21.50 7.75 2.03
C ASP B 261 20.88 6.97 0.88
N TRP B 262 19.71 7.40 0.42
CA TRP B 262 19.04 6.75 -0.69
C TRP B 262 18.29 7.81 -1.50
N ALA B 263 18.01 7.50 -2.76
CA ALA B 263 17.30 8.44 -3.63
C ALA B 263 16.55 7.71 -4.73
N TYR B 264 15.25 7.54 -4.55
CA TYR B 264 14.39 6.93 -5.56
C TYR B 264 13.37 7.95 -6.04
N GLY B 265 13.36 8.20 -7.35
CA GLY B 265 12.49 9.18 -7.93
C GLY B 265 12.75 10.57 -7.38
N PRO B 266 11.68 11.26 -6.96
CA PRO B 266 11.87 12.61 -6.40
C PRO B 266 12.59 12.63 -5.07
N VAL B 267 12.40 11.60 -4.24
CA VAL B 267 13.01 11.60 -2.92
C VAL B 267 14.52 11.54 -3.04
N TYR B 268 15.20 12.48 -2.37
CA TYR B 268 16.65 12.57 -2.34
C TYR B 268 17.07 12.59 -0.87
N SER B 269 16.55 11.64 -0.10
CA SER B 269 16.79 11.56 1.34
C SER B 269 18.27 11.72 1.66
N SER B 270 18.57 12.70 2.52
CA SER B 270 19.94 13.09 2.80
C SER B 270 20.13 13.32 4.29
N LEU B 271 21.39 13.30 4.73
CA LEU B 271 21.74 13.51 6.14
C LEU B 271 22.61 14.75 6.24
N TYR B 272 22.00 15.85 6.67
CA TYR B 272 22.75 17.11 6.82
C TYR B 272 23.58 17.09 8.08
N ASP B 273 24.84 17.47 7.96
CA ASP B 273 25.68 17.67 9.13
C ASP B 273 25.16 18.85 9.94
N LEU B 274 25.29 18.77 11.25
CA LEU B 274 24.82 19.83 12.15
C LEU B 274 25.97 20.60 12.78
N SER B 275 27.19 20.48 12.24
CA SER B 275 28.31 21.24 12.75
C SER B 275 28.04 22.74 12.61
N SER B 276 28.25 23.48 13.70
CA SER B 276 27.96 24.89 13.86
C SER B 276 26.45 25.15 13.85
N LEU B 277 25.63 24.12 13.65
CA LEU B 277 24.17 24.25 13.70
C LEU B 277 23.57 23.46 14.85
N ASP B 278 24.39 22.94 15.76
CA ASP B 278 23.93 22.00 16.76
C ASP B 278 23.01 22.67 17.77
N THR B 279 22.17 21.85 18.42
CA THR B 279 21.29 22.35 19.46
C THR B 279 22.10 22.84 20.66
N CYS B 280 23.17 22.15 21.01
CA CYS B 280 23.97 22.51 22.17
C CYS B 280 24.63 23.87 21.97
N GLY B 281 24.81 24.59 23.07
CA GLY B 281 25.44 25.89 23.08
C GLY B 281 26.93 25.90 23.38
N GLU B 282 27.61 24.76 23.20
CA GLU B 282 29.05 24.71 23.48
C GLU B 282 29.82 25.65 22.56
N GLU B 283 29.42 25.74 21.30
CA GLU B 283 30.04 26.64 20.34
C GLU B 283 28.97 27.53 19.74
N ALA B 284 29.40 28.55 18.99
CA ALA B 284 28.46 29.46 18.36
C ALA B 284 27.51 28.71 17.43
N SER B 285 26.24 29.08 17.49
CA SER B 285 25.20 28.42 16.73
C SER B 285 24.68 29.35 15.64
N VAL B 286 24.57 28.80 14.43
CA VAL B 286 24.14 29.59 13.28
C VAL B 286 22.66 29.93 13.39
N LEU B 287 21.87 29.08 14.04
CA LEU B 287 20.47 29.40 14.29
C LEU B 287 20.36 30.70 15.08
N GLU B 288 21.15 30.84 16.15
CA GLU B 288 21.14 32.06 16.93
C GLU B 288 21.55 33.26 16.10
N ILE B 289 22.61 33.10 15.29
CA ILE B 289 23.09 34.21 14.47
C ILE B 289 22.01 34.68 13.51
N LEU B 290 21.38 33.74 12.79
CA LEU B 290 20.36 34.10 11.82
C LEU B 290 19.14 34.72 12.50
N VAL B 291 18.73 34.18 13.65
CA VAL B 291 17.52 34.66 14.31
C VAL B 291 17.73 36.05 14.88
N TYR B 292 18.87 36.30 15.53
CA TYR B 292 19.08 37.51 16.30
C TYR B 292 20.06 38.46 15.61
N ASN B 293 21.28 38.01 15.32
CA ASN B 293 22.32 38.93 14.87
C ASN B 293 22.09 39.39 13.43
N SER B 294 21.65 38.48 12.56
CA SER B 294 21.50 38.81 11.15
C SER B 294 20.32 39.78 10.96
N LYS B 295 20.64 40.99 10.48
CA LYS B 295 19.64 42.00 10.19
C LYS B 295 19.44 42.20 8.69
N ILE B 296 20.04 41.34 7.86
CA ILE B 296 19.91 41.47 6.42
C ILE B 296 18.50 41.07 5.99
N GLU B 297 18.06 41.65 4.87
CA GLU B 297 16.73 41.35 4.34
C GLU B 297 16.60 39.92 3.84
N ASN B 298 17.71 39.19 3.69
CA ASN B 298 17.69 37.81 3.26
C ASN B 298 17.57 36.83 4.43
N ARG B 299 17.30 37.33 5.64
CA ARG B 299 17.22 36.46 6.80
C ARG B 299 16.12 35.42 6.64
N HIS B 300 14.95 35.84 6.15
CA HIS B 300 13.86 34.89 5.92
C HIS B 300 14.23 33.87 4.86
N GLU B 301 14.93 34.31 3.81
CA GLU B 301 15.36 33.38 2.77
C GLU B 301 16.37 32.38 3.30
N MET B 302 17.29 32.83 4.16
CA MET B 302 18.35 31.96 4.67
C MET B 302 17.85 30.98 5.73
N LEU B 303 16.71 31.24 6.35
CA LEU B 303 16.09 30.29 7.28
C LEU B 303 15.28 29.22 6.57
N ALA B 304 15.09 29.35 5.26
CA ALA B 304 14.27 28.41 4.50
C ALA B 304 15.06 27.28 3.88
N VAL B 305 16.37 27.21 4.15
CA VAL B 305 17.16 26.09 3.63
C VAL B 305 16.68 24.79 4.27
N GLU B 306 17.05 23.67 3.65
CA GLU B 306 16.46 22.38 4.02
C GLU B 306 16.70 21.99 5.48
N PRO B 307 17.94 22.01 6.01
CA PRO B 307 18.09 21.56 7.40
C PRO B 307 17.62 22.57 8.42
N ILE B 308 17.88 23.87 8.20
CA ILE B 308 17.55 24.88 9.20
C ILE B 308 16.05 24.93 9.44
N ASN B 309 15.26 24.95 8.36
CA ASN B 309 13.80 24.96 8.51
C ASN B 309 13.31 23.67 9.14
N GLU B 310 13.89 22.53 8.74
CA GLU B 310 13.48 21.25 9.30
C GLU B 310 13.93 21.12 10.75
N LEU B 311 15.09 21.71 11.08
CA LEU B 311 15.58 21.67 12.45
C LEU B 311 14.64 22.39 13.41
N LEU B 312 14.14 23.57 13.00
CA LEU B 312 13.23 24.32 13.85
C LEU B 312 11.94 23.57 14.10
N ARG B 313 11.38 22.95 13.05
CA ARG B 313 10.18 22.14 13.23
C ARG B 313 10.45 20.93 14.11
N ASP B 314 11.68 20.41 14.06
CA ASP B 314 12.04 19.28 14.92
C ASP B 314 11.98 19.67 16.39
N LYS B 315 12.44 20.87 16.73
CA LYS B 315 12.43 21.36 18.10
C LYS B 315 11.02 21.36 18.69
N MET C 1 -19.10 -11.56 -3.70
CA MET C 1 -18.78 -10.18 -4.04
C MET C 1 -17.28 -9.94 -3.97
N ALA C 2 -16.90 -8.68 -3.76
CA ALA C 2 -15.49 -8.34 -3.65
C ALA C 2 -14.88 -8.96 -2.39
N ALA C 3 -13.69 -9.53 -2.56
CA ALA C 3 -12.98 -10.16 -1.45
C ALA C 3 -12.10 -9.13 -0.77
N ILE C 4 -12.41 -8.80 0.48
CA ILE C 4 -11.61 -7.84 1.23
C ILE C 4 -10.26 -8.46 1.58
N ARG C 5 -9.25 -7.62 1.74
CA ARG C 5 -7.91 -8.05 2.09
C ARG C 5 -7.56 -7.55 3.48
N LYS C 6 -7.16 -8.47 4.36
CA LYS C 6 -6.74 -8.15 5.72
C LYS C 6 -5.27 -8.51 5.87
N LYS C 7 -4.52 -7.63 6.54
CA LYS C 7 -3.10 -7.82 6.75
C LYS C 7 -2.86 -8.54 8.07
N LEU C 8 -2.21 -9.69 8.01
CA LEU C 8 -1.94 -10.53 9.17
C LEU C 8 -0.44 -10.59 9.40
N VAL C 9 -0.02 -10.36 10.64
CA VAL C 9 1.40 -10.35 11.01
C VAL C 9 1.60 -11.38 12.12
N ILE C 10 2.55 -12.28 11.94
CA ILE C 10 2.86 -13.36 12.89
C ILE C 10 4.21 -13.06 13.47
N VAL C 11 4.29 -12.78 14.77
CA VAL C 11 5.52 -12.47 15.48
C VAL C 11 5.72 -13.51 16.58
N GLY C 12 6.97 -13.82 16.90
CA GLY C 12 7.26 -14.79 17.93
C GLY C 12 8.75 -15.03 18.02
N ASP C 13 9.12 -15.88 18.97
CA ASP C 13 10.51 -16.18 19.23
C ASP C 13 11.08 -17.10 18.14
N GLY C 14 12.39 -17.29 18.19
CA GLY C 14 13.03 -18.16 17.23
C GLY C 14 12.55 -19.60 17.37
N ALA C 15 12.17 -20.19 16.23
CA ALA C 15 11.76 -21.59 16.16
C ALA C 15 10.58 -21.89 17.07
N CYS C 16 9.50 -21.12 16.89
CA CYS C 16 8.25 -21.36 17.61
C CYS C 16 7.11 -21.70 16.66
N GLY C 17 7.44 -22.22 15.47
CA GLY C 17 6.43 -22.68 14.54
C GLY C 17 5.67 -21.60 13.81
N LYS C 18 6.28 -20.43 13.58
CA LYS C 18 5.58 -19.38 12.85
C LYS C 18 5.51 -19.69 11.36
N THR C 19 6.67 -19.83 10.72
CA THR C 19 6.70 -20.09 9.29
C THR C 19 6.05 -21.43 8.97
N CYS C 20 6.24 -22.43 9.83
CA CYS C 20 5.58 -23.71 9.62
C CYS C 20 4.06 -23.57 9.68
N LEU C 21 3.55 -22.79 10.63
CA LEU C 21 2.11 -22.54 10.70
C LEU C 21 1.61 -21.83 9.45
N LEU C 22 2.34 -20.82 8.99
CA LEU C 22 1.93 -20.10 7.79
C LEU C 22 1.91 -21.02 6.57
N ILE C 23 2.94 -21.86 6.43
CA ILE C 23 3.00 -22.77 5.29
C ILE C 23 1.90 -23.81 5.36
N VAL C 24 1.62 -24.33 6.54
CA VAL C 24 0.55 -25.32 6.69
C VAL C 24 -0.79 -24.68 6.33
N PHE C 25 -1.03 -23.45 6.77
CA PHE C 25 -2.28 -22.77 6.42
C PHE C 25 -2.37 -22.51 4.93
N SER C 26 -1.27 -22.09 4.31
CA SER C 26 -1.33 -21.63 2.92
C SER C 26 -1.29 -22.80 1.94
N LYS C 27 -0.19 -23.56 1.94
CA LYS C 27 0.04 -24.62 0.97
C LYS C 27 -0.55 -25.96 1.38
N ASP C 28 -1.11 -26.07 2.59
CA ASP C 28 -1.75 -27.24 3.16
C ASP C 28 -0.75 -28.38 3.41
N GLN C 29 0.54 -28.14 3.15
CA GLN C 29 1.55 -29.22 3.30
C GLN C 29 2.64 -28.79 4.28
N PHE C 30 2.83 -29.56 5.35
CA PHE C 30 3.86 -29.25 6.32
C PHE C 30 5.22 -29.38 5.66
N PRO C 31 6.08 -28.36 5.73
CA PRO C 31 7.40 -28.44 5.08
C PRO C 31 8.22 -29.61 5.63
N GLU C 32 8.89 -30.32 4.72
CA GLU C 32 9.61 -31.51 5.12
C GLU C 32 11.05 -31.18 5.50
N VAL C 33 11.79 -30.54 4.60
CA VAL C 33 13.22 -30.31 4.82
C VAL C 33 13.51 -28.81 4.83
N TYR C 34 13.21 -28.13 3.72
CA TYR C 34 13.57 -26.73 3.57
C TYR C 34 12.39 -25.85 3.98
N VAL C 35 12.35 -25.53 5.26
CA VAL C 35 11.42 -24.52 5.76
C VAL C 35 12.11 -23.16 5.69
N PRO C 36 11.51 -22.19 5.00
CA PRO C 36 12.15 -20.87 4.87
C PRO C 36 12.19 -20.14 6.21
N THR C 37 13.12 -19.20 6.31
CA THR C 37 13.19 -18.37 7.50
C THR C 37 11.94 -17.50 7.65
N VAL C 38 11.42 -16.99 6.53
CA VAL C 38 10.20 -16.20 6.52
C VAL C 38 9.35 -16.62 5.33
N PHE C 39 8.05 -16.79 5.56
CA PHE C 39 7.11 -17.02 4.47
C PHE C 39 6.46 -15.70 4.10
N GLU C 40 6.88 -15.13 2.97
CA GLU C 40 6.57 -13.75 2.64
C GLU C 40 5.82 -13.66 1.32
N ASN C 41 5.06 -12.56 1.19
CA ASN C 41 4.38 -12.20 -0.05
C ASN C 41 3.39 -13.28 -0.51
N TYR C 42 2.59 -13.78 0.42
CA TYR C 42 1.53 -14.73 0.12
C TYR C 42 0.20 -14.19 0.61
N VAL C 43 -0.85 -14.39 -0.18
CA VAL C 43 -2.21 -14.06 0.21
C VAL C 43 -3.03 -15.34 0.17
N ALA C 44 -3.78 -15.58 1.25
CA ALA C 44 -4.53 -16.82 1.41
C ALA C 44 -6.02 -16.50 1.40
N ASP C 45 -6.79 -17.31 0.67
CA ASP C 45 -8.23 -17.11 0.56
C ASP C 45 -8.94 -17.88 1.67
N ILE C 46 -9.79 -17.19 2.42
CA ILE C 46 -10.54 -17.80 3.50
C ILE C 46 -11.94 -17.20 3.53
N GLU C 47 -12.91 -18.01 3.96
CA GLU C 47 -14.29 -17.58 4.11
C GLU C 47 -14.81 -18.10 5.44
N VAL C 48 -15.40 -17.20 6.23
CA VAL C 48 -15.90 -17.57 7.56
C VAL C 48 -17.42 -17.61 7.58
N ASP C 49 -18.07 -16.58 7.03
CA ASP C 49 -19.52 -16.51 6.98
C ASP C 49 -20.04 -16.11 5.60
N GLY C 50 -19.38 -16.61 4.56
CA GLY C 50 -19.71 -16.23 3.20
C GLY C 50 -19.02 -14.98 2.71
N LYS C 51 -18.30 -14.28 3.57
CA LYS C 51 -17.55 -13.09 3.19
C LYS C 51 -16.12 -13.50 2.90
N GLN C 52 -15.74 -13.48 1.62
CA GLN C 52 -14.39 -13.88 1.23
C GLN C 52 -13.38 -12.87 1.73
N VAL C 53 -12.34 -13.36 2.40
CA VAL C 53 -11.27 -12.53 2.94
C VAL C 53 -9.94 -13.07 2.43
N GLU C 54 -9.12 -12.19 1.87
CA GLU C 54 -7.77 -12.53 1.44
C GLU C 54 -6.80 -12.09 2.54
N LEU C 55 -6.22 -13.06 3.24
CA LEU C 55 -5.31 -12.79 4.35
C LEU C 55 -3.90 -12.59 3.80
N ALA C 56 -3.39 -11.36 3.91
CA ALA C 56 -2.04 -11.03 3.47
C ALA C 56 -1.09 -11.45 4.58
N LEU C 57 -0.65 -12.71 4.54
CA LEU C 57 0.19 -13.25 5.60
C LEU C 57 1.57 -12.61 5.57
N TRP C 58 1.90 -11.88 6.62
CA TRP C 58 3.21 -11.27 6.80
C TRP C 58 3.97 -12.01 7.89
N ASP C 59 5.20 -12.42 7.58
CA ASP C 59 6.02 -13.18 8.50
C ASP C 59 7.19 -12.34 8.98
N THR C 60 7.55 -12.51 10.25
CA THR C 60 8.66 -11.80 10.85
C THR C 60 9.62 -12.79 11.49
N ALA C 61 10.90 -12.42 11.52
CA ALA C 61 11.93 -13.26 12.10
C ALA C 61 12.87 -12.40 12.94
N GLY C 62 13.54 -13.05 13.89
CA GLY C 62 14.50 -12.37 14.75
C GLY C 62 15.92 -12.86 14.56
N GLN C 63 16.29 -13.12 13.31
CA GLN C 63 17.62 -13.65 13.00
C GLN C 63 18.28 -12.75 11.98
N GLU C 64 19.57 -12.45 12.22
CA GLU C 64 20.41 -11.67 11.31
C GLU C 64 19.77 -10.30 11.13
N ASP C 65 19.54 -9.83 9.90
CA ASP C 65 19.00 -8.48 9.73
C ASP C 65 17.48 -8.45 9.77
N TYR C 66 16.82 -9.61 9.90
CA TYR C 66 15.37 -9.64 9.94
C TYR C 66 14.84 -8.90 11.16
N ASP C 67 15.63 -8.89 12.23
CA ASP C 67 15.24 -8.16 13.48
C ASP C 67 15.15 -6.67 13.18
N ARG C 68 16.03 -6.17 12.31
CA ARG C 68 16.07 -4.74 12.02
C ARG C 68 14.89 -4.31 11.16
N LEU C 69 14.49 -5.14 10.20
CA LEU C 69 13.40 -4.81 9.29
C LEU C 69 12.06 -5.36 9.72
N ARG C 70 12.00 -6.05 10.86
CA ARG C 70 10.73 -6.49 11.45
C ARG C 70 9.80 -5.32 11.76
N PRO C 71 10.30 -4.21 12.31
CA PRO C 71 9.39 -3.07 12.57
C PRO C 71 8.68 -2.55 11.33
N LEU C 72 9.28 -2.69 10.15
CA LEU C 72 8.66 -2.15 8.94
C LEU C 72 7.47 -3.00 8.51
N SER C 73 7.35 -4.22 9.02
CA SER C 73 6.21 -5.06 8.67
C SER C 73 4.96 -4.64 9.42
N TYR C 74 5.12 -4.07 10.61
CA TYR C 74 3.98 -3.71 11.44
C TYR C 74 3.01 -2.73 10.81
N PRO C 75 3.43 -1.67 10.11
CA PRO C 75 2.46 -0.69 9.60
C PRO C 75 1.38 -1.32 8.74
N ASP C 76 0.16 -0.80 8.86
CA ASP C 76 -1.04 -1.18 8.11
C ASP C 76 -1.55 -2.56 8.48
N THR C 77 -1.13 -3.13 9.60
CA THR C 77 -1.59 -4.45 10.00
C THR C 77 -3.03 -4.41 10.46
N ASP C 78 -3.70 -5.56 10.38
CA ASP C 78 -5.09 -5.69 10.80
C ASP C 78 -5.27 -6.64 11.97
N VAL C 79 -4.44 -7.68 12.08
CA VAL C 79 -4.46 -8.60 13.21
C VAL C 79 -3.03 -9.08 13.47
N ILE C 80 -2.68 -9.25 14.73
CA ILE C 80 -1.35 -9.68 15.15
C ILE C 80 -1.48 -11.08 15.76
N LEU C 81 -0.75 -12.03 15.20
CA LEU C 81 -0.71 -13.39 15.72
C LEU C 81 0.64 -13.59 16.42
N MET C 82 0.70 -13.23 17.69
CA MET C 82 1.88 -13.54 18.49
C MET C 82 1.96 -15.03 18.75
N CYS C 83 3.15 -15.58 18.59
CA CYS C 83 3.35 -17.03 18.62
C CYS C 83 4.32 -17.42 19.73
N PHE C 84 3.98 -18.49 20.45
CA PHE C 84 4.86 -19.08 21.43
C PHE C 84 4.79 -20.59 21.32
N SER C 85 5.87 -21.25 21.73
CA SER C 85 5.99 -22.69 21.64
C SER C 85 5.42 -23.33 22.90
N ILE C 86 4.50 -24.28 22.73
CA ILE C 86 3.99 -25.02 23.90
C ILE C 86 5.18 -25.80 24.47
N ASP C 87 6.04 -26.33 23.58
CA ASP C 87 7.18 -27.14 24.05
C ASP C 87 7.99 -26.30 25.03
N SER C 88 8.65 -25.24 24.55
CA SER C 88 9.52 -24.43 25.38
C SER C 88 8.73 -23.26 25.94
N PRO C 89 8.48 -23.22 27.26
CA PRO C 89 7.70 -22.11 27.83
C PRO C 89 8.45 -20.77 27.85
N ASP C 90 9.78 -20.79 27.66
CA ASP C 90 10.55 -19.54 27.73
C ASP C 90 9.93 -18.47 26.82
N SER C 91 9.42 -18.89 25.66
CA SER C 91 8.64 -17.97 24.85
C SER C 91 7.42 -17.46 25.60
N LEU C 92 6.74 -18.34 26.34
CA LEU C 92 5.55 -17.90 27.07
C LEU C 92 5.86 -16.83 28.09
N GLU C 93 6.94 -17.01 28.88
CA GLU C 93 7.26 -15.96 29.85
C GLU C 93 7.87 -14.73 29.20
N ASN C 94 8.50 -14.87 28.03
CA ASN C 94 9.09 -13.68 27.42
C ASN C 94 8.11 -12.93 26.53
N ILE C 95 6.91 -13.46 26.31
CA ILE C 95 5.89 -12.68 25.61
C ILE C 95 5.62 -11.34 26.28
N PRO C 96 5.12 -11.27 27.52
CA PRO C 96 4.71 -9.96 28.05
C PRO C 96 5.87 -8.99 28.21
N GLU C 97 7.09 -9.51 28.36
CA GLU C 97 8.24 -8.63 28.58
C GLU C 97 8.65 -7.92 27.30
N LYS C 98 8.64 -8.62 26.17
CA LYS C 98 9.16 -8.08 24.91
C LYS C 98 8.11 -7.95 23.82
N TRP C 99 7.37 -9.03 23.53
CA TRP C 99 6.55 -9.05 22.33
C TRP C 99 5.32 -8.16 22.46
N THR C 100 4.61 -8.26 23.60
CA THR C 100 3.40 -7.43 23.81
C THR C 100 3.75 -5.94 23.70
N PRO C 101 4.74 -5.35 24.43
CA PRO C 101 5.07 -3.93 24.24
C PRO C 101 5.49 -3.59 22.82
N GLU C 102 6.28 -4.47 22.20
CA GLU C 102 6.75 -4.25 20.80
C GLU C 102 5.54 -4.13 19.88
N VAL C 103 4.60 -5.08 19.99
CA VAL C 103 3.42 -5.07 19.13
C VAL C 103 2.58 -3.83 19.40
N LYS C 104 2.37 -3.49 20.67
CA LYS C 104 1.49 -2.38 21.00
C LYS C 104 2.08 -1.04 20.59
N HIS C 105 3.42 -0.91 20.61
CA HIS C 105 4.03 0.39 20.35
C HIS C 105 3.96 0.75 18.87
N PHE C 106 4.00 -0.25 17.98
CA PHE C 106 3.83 -0.03 16.55
C PHE C 106 2.45 -0.37 16.03
N CYS C 107 1.63 -1.10 16.78
CA CYS C 107 0.26 -1.43 16.37
C CYS C 107 -0.72 -1.11 17.48
N PRO C 108 -1.02 0.17 17.70
CA PRO C 108 -2.08 0.53 18.63
C PRO C 108 -3.45 0.18 18.07
N ASN C 109 -4.36 -0.19 18.98
CA ASN C 109 -5.76 -0.46 18.66
C ASN C 109 -5.91 -1.56 17.61
N VAL C 110 -4.99 -2.52 17.59
CA VAL C 110 -4.99 -3.62 16.64
C VAL C 110 -5.27 -4.89 17.42
N PRO C 111 -6.15 -5.78 16.94
CA PRO C 111 -6.41 -7.02 17.68
C PRO C 111 -5.13 -7.84 17.85
N ILE C 112 -5.01 -8.46 19.03
CA ILE C 112 -3.85 -9.25 19.39
C ILE C 112 -4.31 -10.65 19.72
N ILE C 113 -3.66 -11.65 19.12
CA ILE C 113 -3.95 -13.06 19.39
C ILE C 113 -2.62 -13.76 19.65
N LEU C 114 -2.55 -14.50 20.76
CA LEU C 114 -1.39 -15.32 21.07
C LEU C 114 -1.79 -16.78 20.88
N VAL C 115 -0.95 -17.54 20.17
CA VAL C 115 -1.27 -18.89 19.74
C VAL C 115 -0.22 -19.85 20.27
N GLY C 116 -0.66 -21.02 20.74
CA GLY C 116 0.28 -22.02 21.28
C GLY C 116 0.75 -22.99 20.22
N ASN C 117 1.78 -22.61 19.46
CA ASN C 117 2.28 -23.48 18.36
C ASN C 117 3.01 -24.69 18.96
N LYS C 118 3.22 -25.75 18.17
CA LYS C 118 3.84 -27.00 18.67
C LYS C 118 2.97 -27.63 19.76
N LYS C 119 1.65 -27.64 19.57
CA LYS C 119 0.71 -28.27 20.53
C LYS C 119 0.97 -29.77 20.64
N ASP C 120 1.43 -30.40 19.56
CA ASP C 120 1.64 -31.87 19.58
C ASP C 120 2.72 -32.26 20.59
N LEU C 121 3.65 -31.35 20.89
CA LEU C 121 4.78 -31.68 21.79
C LEU C 121 4.34 -31.72 23.25
N ARG C 122 3.23 -31.08 23.62
CA ARG C 122 2.68 -31.17 25.00
C ARG C 122 2.75 -32.60 25.55
N ASN C 123 2.34 -33.61 24.78
CA ASN C 123 2.35 -34.99 25.26
C ASN C 123 3.56 -35.77 24.78
N ASP C 124 4.48 -35.13 24.06
CA ASP C 124 5.66 -35.82 23.55
C ASP C 124 6.58 -36.20 24.71
N GLU C 125 7.10 -37.42 24.66
CA GLU C 125 7.97 -37.90 25.74
C GLU C 125 9.34 -37.24 25.68
N HIS C 126 9.89 -37.12 24.46
CA HIS C 126 11.23 -36.50 24.30
C HIS C 126 11.20 -35.06 24.83
N THR C 127 10.24 -34.26 24.38
CA THR C 127 10.17 -32.87 24.80
C THR C 127 9.94 -32.75 26.30
N ARG C 128 9.10 -33.63 26.86
CA ARG C 128 8.88 -33.61 28.30
C ARG C 128 10.17 -33.92 29.06
N ARG C 129 10.94 -34.90 28.59
CA ARG C 129 12.21 -35.22 29.22
C ARG C 129 13.20 -34.06 29.09
N GLU C 130 13.24 -33.43 27.92
CA GLU C 130 14.13 -32.28 27.73
C GLU C 130 13.78 -31.14 28.66
N LEU C 131 12.47 -30.87 28.83
CA LEU C 131 12.05 -29.82 29.76
C LEU C 131 12.38 -30.19 31.20
N ALA C 132 12.16 -31.45 31.57
CA ALA C 132 12.47 -31.89 32.94
C ALA C 132 13.97 -31.78 33.21
N LYS C 133 14.79 -31.98 32.19
CA LYS C 133 16.23 -31.77 32.35
C LYS C 133 16.55 -30.33 32.73
N MET C 134 15.74 -29.38 32.27
CA MET C 134 15.88 -27.98 32.64
C MET C 134 14.88 -27.53 33.69
N LYS C 135 14.21 -28.49 34.35
CA LYS C 135 13.22 -28.20 35.39
C LYS C 135 12.08 -27.34 34.85
N GLN C 136 11.48 -27.79 33.75
CA GLN C 136 10.38 -27.09 33.11
C GLN C 136 9.29 -28.07 32.73
N GLU C 137 8.09 -27.54 32.51
CA GLU C 137 6.93 -28.31 32.10
C GLU C 137 6.27 -27.67 30.88
N PRO C 138 5.59 -28.46 30.05
CA PRO C 138 4.90 -27.88 28.89
C PRO C 138 3.84 -26.88 29.32
N VAL C 139 3.62 -25.87 28.49
CA VAL C 139 2.64 -24.84 28.79
C VAL C 139 1.25 -25.44 28.84
N LYS C 140 0.55 -25.21 29.94
CA LYS C 140 -0.81 -25.71 30.09
C LYS C 140 -1.80 -24.77 29.41
N PRO C 141 -2.96 -25.30 28.97
CA PRO C 141 -3.99 -24.40 28.43
C PRO C 141 -4.44 -23.34 29.43
N GLU C 142 -4.54 -23.70 30.71
CA GLU C 142 -4.85 -22.72 31.74
C GLU C 142 -3.77 -21.67 31.82
N GLU C 143 -2.50 -22.08 31.68
CA GLU C 143 -1.42 -21.10 31.63
C GLU C 143 -1.55 -20.19 30.42
N GLY C 144 -2.00 -20.73 29.29
CA GLY C 144 -2.20 -19.90 28.12
C GLY C 144 -3.29 -18.87 28.32
N ARG C 145 -4.42 -19.28 28.91
CA ARG C 145 -5.46 -18.32 29.24
C ARG C 145 -4.98 -17.28 30.25
N ASP C 146 -4.13 -17.70 31.19
CA ASP C 146 -3.58 -16.78 32.21
C ASP C 146 -2.68 -15.76 31.52
N MET C 147 -1.91 -16.19 30.52
CA MET C 147 -1.07 -15.27 29.76
C MET C 147 -1.91 -14.33 28.91
N ALA C 148 -2.99 -14.83 28.31
CA ALA C 148 -3.88 -13.97 27.56
C ALA C 148 -4.56 -12.94 28.46
N ASN C 149 -4.79 -13.30 29.72
CA ASN C 149 -5.38 -12.36 30.67
C ASN C 149 -4.46 -11.15 30.90
N ARG C 150 -3.16 -11.40 31.05
CA ARG C 150 -2.23 -10.31 31.28
C ARG C 150 -2.23 -9.32 30.11
N ILE C 151 -2.12 -9.84 28.88
CA ILE C 151 -2.10 -8.97 27.71
C ILE C 151 -3.48 -8.38 27.45
N GLY C 152 -4.53 -9.17 27.68
CA GLY C 152 -5.85 -8.79 27.23
C GLY C 152 -6.10 -9.08 25.77
N ALA C 153 -5.52 -10.16 25.26
CA ALA C 153 -5.58 -10.47 23.84
C ALA C 153 -6.99 -10.90 23.44
N PHE C 154 -7.21 -10.96 22.12
CA PHE C 154 -8.51 -11.38 21.60
C PHE C 154 -8.82 -12.81 21.99
N GLY C 155 -7.83 -13.69 21.92
CA GLY C 155 -8.05 -15.09 22.28
C GLY C 155 -6.77 -15.88 22.31
N TYR C 156 -6.89 -17.12 22.77
CA TYR C 156 -5.78 -18.07 22.85
C TYR C 156 -6.25 -19.43 22.35
N MET C 157 -5.69 -19.87 21.23
CA MET C 157 -5.92 -21.21 20.72
C MET C 157 -4.58 -21.86 20.40
N GLU C 158 -4.50 -23.18 20.55
CA GLU C 158 -3.22 -23.91 20.33
C GLU C 158 -3.19 -24.48 18.92
N CYS C 159 -2.02 -24.48 18.28
CA CYS C 159 -1.91 -25.00 16.92
C CYS C 159 -0.83 -26.08 16.87
N SER C 160 -1.01 -27.09 16.02
CA SER C 160 0.04 -28.11 15.81
C SER C 160 0.24 -28.23 14.31
N ALA C 161 1.23 -27.53 13.77
CA ALA C 161 1.43 -27.48 12.33
C ALA C 161 1.73 -28.85 11.75
N LYS C 162 2.50 -29.67 12.47
CA LYS C 162 2.88 -30.98 11.96
C LYS C 162 1.66 -31.87 11.75
N THR C 163 0.73 -31.85 12.69
CA THR C 163 -0.48 -32.66 12.61
C THR C 163 -1.63 -31.96 11.92
N LYS C 164 -1.46 -30.69 11.52
CA LYS C 164 -2.49 -29.91 10.84
C LYS C 164 -3.77 -29.84 11.68
N ASP C 165 -3.61 -29.70 13.00
CA ASP C 165 -4.74 -29.57 13.92
C ASP C 165 -4.72 -28.18 14.53
N GLY C 166 -5.83 -27.46 14.39
CA GLY C 166 -5.93 -26.10 14.89
C GLY C 166 -5.36 -25.05 13.96
N VAL C 167 -4.80 -25.45 12.82
CA VAL C 167 -4.20 -24.48 11.90
C VAL C 167 -5.23 -23.69 11.10
N ARG C 168 -6.51 -24.04 11.20
CA ARG C 168 -7.57 -23.35 10.47
C ARG C 168 -8.41 -22.45 11.35
N GLU C 169 -8.82 -22.93 12.53
CA GLU C 169 -9.65 -22.11 13.41
C GLU C 169 -8.90 -20.89 13.93
N VAL C 170 -7.58 -21.01 14.09
CA VAL C 170 -6.79 -19.85 14.51
C VAL C 170 -6.86 -18.74 13.47
N PHE C 171 -6.68 -19.08 12.20
CA PHE C 171 -6.76 -18.06 11.17
C PHE C 171 -8.19 -17.57 10.98
N GLU C 172 -9.18 -18.43 11.19
CA GLU C 172 -10.57 -17.97 11.16
C GLU C 172 -10.84 -16.95 12.26
N MET C 173 -10.34 -17.21 13.47
CA MET C 173 -10.48 -16.24 14.56
C MET C 173 -9.72 -14.96 14.24
N ALA C 174 -8.53 -15.08 13.63
CA ALA C 174 -7.75 -13.90 13.30
C ALA C 174 -8.46 -13.03 12.28
N THR C 175 -9.05 -13.63 11.25
CA THR C 175 -9.74 -12.83 10.25
C THR C 175 -11.07 -12.30 10.80
N ARG C 176 -11.69 -13.03 11.72
CA ARG C 176 -12.89 -12.51 12.37
C ARG C 176 -12.57 -11.27 13.21
N ALA C 177 -11.43 -11.31 13.93
CA ALA C 177 -11.01 -10.14 14.70
C ALA C 177 -10.62 -8.99 13.78
N ALA C 178 -9.97 -9.30 12.65
CA ALA C 178 -9.59 -8.26 11.70
C ALA C 178 -10.84 -7.62 11.07
N LEU C 179 -11.89 -8.40 10.87
CA LEU C 179 -13.11 -7.86 10.26
C LEU C 179 -13.79 -6.82 11.16
N GLN C 180 -13.47 -6.85 12.45
CA GLN C 180 -14.06 -5.91 13.39
C GLN C 180 -13.63 -4.48 13.10
#